data_2YD3
#
_entry.id   2YD3
#
_cell.length_a   104.218
_cell.length_b   104.218
_cell.length_c   94.850
_cell.angle_alpha   90.00
_cell.angle_beta   90.00
_cell.angle_gamma   90.00
#
_symmetry.space_group_name_H-M   'I 41 2 2'
#
loop_
_entity.id
_entity.type
_entity.pdbx_description
1 polymer 'RECEPTOR-TYPE TYROSINE-PROTEIN PHOSPHATASE S'
2 non-polymer 'SODIUM ION'
3 non-polymer 'CHLORIDE ION'
4 water water
#
_entity_poly.entity_id   1
_entity_poly.type   'polypeptide(L)'
_entity_poly.pdbx_seq_one_letter_code
;ETGEEPPRFIKEPKDQIGVSGGVASFVCQATGDPKPRVTWNKKGKKVNSQRFETIEFDESAGAVLRIQPLRTPRDENVYE
CVAQNSVGEITVHAKLTVLREDQLPSGFPNIDMGPQLKVVERTRTATMLCAASGNPDPEITWFKDFLPVDPSASNGRIKQ
LRSGALQIESSEETDQGKYECVATNSAGVRYSSPANLYVRVR
;
_entity_poly.pdbx_strand_id   A
#
loop_
_chem_comp.id
_chem_comp.type
_chem_comp.name
_chem_comp.formula
CL non-polymer 'CHLORIDE ION' 'Cl -1'
NA non-polymer 'SODIUM ION' 'Na 1'
#
# COMPACT_ATOMS: atom_id res chain seq x y z
N GLY A 3 -24.67 -13.52 19.48
CA GLY A 3 -23.29 -13.52 19.05
C GLY A 3 -23.09 -13.26 17.55
N GLU A 4 -23.81 -12.27 17.03
CA GLU A 4 -23.77 -11.93 15.62
C GLU A 4 -23.73 -10.42 15.40
N GLU A 5 -22.98 -10.00 14.38
CA GLU A 5 -22.93 -8.61 13.97
C GLU A 5 -22.55 -8.58 12.50
N PRO A 6 -23.37 -7.90 11.67
CA PRO A 6 -23.06 -7.78 10.24
C PRO A 6 -21.69 -7.15 10.03
N PRO A 7 -21.13 -7.32 8.83
CA PRO A 7 -19.81 -6.75 8.57
C PRO A 7 -19.86 -5.23 8.55
N ARG A 8 -18.72 -4.59 8.78
CA ARG A 8 -18.58 -3.15 8.58
C ARG A 8 -17.13 -2.86 8.25
N PHE A 9 -16.92 -1.88 7.39
CA PHE A 9 -15.57 -1.56 6.98
C PHE A 9 -14.85 -0.74 8.04
N ILE A 10 -13.64 -1.17 8.40
CA ILE A 10 -12.84 -0.43 9.38
C ILE A 10 -11.67 0.26 8.67
N LYS A 11 -11.39 -0.17 7.45
CA LYS A 11 -10.48 0.52 6.55
C LYS A 11 -11.13 0.51 5.19
N GLU A 12 -11.41 1.69 4.65
CA GLU A 12 -12.05 1.81 3.35
C GLU A 12 -11.06 2.31 2.32
N PRO A 13 -11.05 1.68 1.14
CA PRO A 13 -10.14 2.10 0.06
C PRO A 13 -10.53 3.47 -0.47
N LYS A 14 -9.56 4.22 -1.00
CA LYS A 14 -9.80 5.56 -1.53
C LYS A 14 -9.54 5.57 -3.03
N ASP A 15 -10.20 6.47 -3.74
CA ASP A 15 -9.89 6.67 -5.16
C ASP A 15 -8.42 7.04 -5.31
N GLN A 16 -7.80 6.59 -6.40
CA GLN A 16 -6.40 6.92 -6.63
C GLN A 16 -6.12 7.37 -8.06
N ILE A 17 -5.10 8.22 -8.16
CA ILE A 17 -4.62 8.69 -9.45
C ILE A 17 -3.16 8.27 -9.57
N GLY A 18 -2.90 7.28 -10.43
CA GLY A 18 -1.56 6.74 -10.59
C GLY A 18 -0.91 7.09 -11.92
N VAL A 19 0.35 6.67 -12.06
CA VAL A 19 1.12 6.92 -13.28
C VAL A 19 1.28 5.65 -14.09
N SER A 20 1.20 5.78 -15.40
CA SER A 20 1.50 4.65 -16.28
C SER A 20 2.87 4.07 -15.92
N GLY A 21 2.90 2.75 -15.69
CA GLY A 21 4.15 2.08 -15.37
C GLY A 21 4.38 1.90 -13.89
N GLY A 22 3.73 2.72 -13.08
CA GLY A 22 3.88 2.66 -11.64
C GLY A 22 2.98 1.65 -10.96
N VAL A 23 2.58 1.96 -9.74
CA VAL A 23 1.81 1.04 -8.91
C VAL A 23 0.61 1.72 -8.27
N ALA A 24 -0.43 0.95 -8.02
CA ALA A 24 -1.50 1.41 -7.16
C ALA A 24 -1.92 0.28 -6.23
N SER A 25 -2.11 0.63 -4.96
CA SER A 25 -2.59 -0.32 -3.97
C SER A 25 -3.84 0.21 -3.29
N PHE A 26 -4.93 -0.54 -3.39
CA PHE A 26 -6.13 -0.24 -2.61
C PHE A 26 -6.18 -1.17 -1.40
N VAL A 27 -6.45 -0.58 -0.24
CA VAL A 27 -6.48 -1.32 1.01
C VAL A 27 -7.90 -1.35 1.52
N CYS A 28 -8.35 -2.54 1.93
CA CYS A 28 -9.71 -2.74 2.40
C CYS A 28 -9.70 -3.67 3.60
N GLN A 29 -10.45 -3.33 4.63
CA GLN A 29 -10.53 -4.20 5.80
C GLN A 29 -11.86 -4.05 6.52
N ALA A 30 -12.38 -5.16 7.04
CA ALA A 30 -13.69 -5.17 7.68
C ALA A 30 -13.67 -5.97 8.95
N THR A 31 -14.66 -5.72 9.80
CA THR A 31 -14.88 -6.55 10.98
C THR A 31 -16.35 -6.96 11.03
N GLY A 32 -16.72 -7.71 12.07
CA GLY A 32 -18.06 -8.24 12.20
C GLY A 32 -18.02 -9.52 13.01
N ASP A 33 -19.18 -10.16 13.18
CA ASP A 33 -19.24 -11.40 13.95
C ASP A 33 -20.33 -12.32 13.42
N PRO A 34 -19.94 -13.49 12.88
CA PRO A 34 -18.54 -13.96 12.78
C PRO A 34 -17.64 -13.03 11.97
N LYS A 35 -16.34 -13.08 12.25
CA LYS A 35 -15.34 -12.28 11.56
C LYS A 35 -15.45 -12.54 10.06
N PRO A 36 -15.45 -11.46 9.25
CA PRO A 36 -15.77 -11.59 7.83
C PRO A 36 -14.54 -11.85 6.97
N ARG A 37 -14.78 -12.19 5.71
CA ARG A 37 -13.75 -12.16 4.69
C ARG A 37 -14.02 -10.95 3.82
N VAL A 38 -12.96 -10.41 3.21
CA VAL A 38 -13.15 -9.37 2.21
C VAL A 38 -12.55 -9.86 0.91
N THR A 39 -13.18 -9.51 -0.20
CA THR A 39 -12.70 -9.92 -1.51
C THR A 39 -12.70 -8.75 -2.47
N TRP A 40 -11.74 -8.74 -3.38
CA TRP A 40 -11.69 -7.74 -4.43
C TRP A 40 -12.32 -8.26 -5.72
N ASN A 41 -13.21 -7.45 -6.29
CA ASN A 41 -13.89 -7.79 -7.52
C ASN A 41 -13.87 -6.60 -8.47
N LYS A 42 -14.16 -6.86 -9.75
CA LYS A 42 -14.45 -5.81 -10.72
C LYS A 42 -15.72 -6.22 -11.44
N LYS A 43 -16.74 -5.37 -11.40
CA LYS A 43 -18.03 -5.68 -12.03
C LYS A 43 -18.53 -7.08 -11.65
N GLY A 44 -18.40 -7.44 -10.38
CA GLY A 44 -18.85 -8.75 -9.92
C GLY A 44 -17.81 -9.86 -10.00
N LYS A 45 -16.98 -9.84 -11.05
CA LYS A 45 -15.96 -10.87 -11.24
C LYS A 45 -14.77 -10.70 -10.30
N LYS A 46 -14.19 -11.82 -9.85
CA LYS A 46 -13.05 -11.78 -8.95
C LYS A 46 -11.83 -11.15 -9.63
N VAL A 47 -11.12 -10.30 -8.88
CA VAL A 47 -9.92 -9.67 -9.40
C VAL A 47 -8.70 -10.56 -9.18
N ASN A 48 -8.12 -11.02 -10.29
CA ASN A 48 -6.96 -11.88 -10.26
C ASN A 48 -6.37 -12.04 -11.66
N SER A 49 -5.21 -11.43 -11.86
CA SER A 49 -4.50 -11.56 -13.12
C SER A 49 -3.01 -11.33 -12.89
N GLN A 50 -2.23 -11.33 -13.98
CA GLN A 50 -0.79 -11.15 -13.86
C GLN A 50 -0.43 -9.82 -13.19
N ARG A 51 -1.08 -8.74 -13.62
CA ARG A 51 -0.80 -7.41 -13.11
C ARG A 51 -1.70 -7.02 -11.91
N PHE A 52 -2.74 -7.81 -11.65
CA PHE A 52 -3.63 -7.53 -10.53
C PHE A 52 -3.50 -8.60 -9.46
N GLU A 53 -2.78 -8.29 -8.40
CA GLU A 53 -2.62 -9.27 -7.33
C GLU A 53 -3.28 -8.76 -6.05
N THR A 54 -3.90 -9.69 -5.31
CA THR A 54 -4.47 -9.37 -4.01
C THR A 54 -3.67 -10.06 -2.92
N ILE A 55 -3.41 -9.32 -1.84
CA ILE A 55 -2.68 -9.83 -0.70
C ILE A 55 -3.60 -9.76 0.50
N GLU A 56 -3.95 -10.91 1.05
CA GLU A 56 -4.88 -10.96 2.17
C GLU A 56 -4.10 -10.83 3.47
N PHE A 57 -4.73 -10.22 4.47
CA PHE A 57 -4.14 -10.13 5.80
C PHE A 57 -5.26 -10.23 6.82
N ASP A 58 -4.92 -10.29 8.11
CA ASP A 58 -5.92 -10.35 9.16
C ASP A 58 -6.93 -11.46 8.90
N GLU A 59 -6.42 -12.65 8.59
CA GLU A 59 -7.26 -13.83 8.38
C GLU A 59 -8.25 -13.68 7.23
N SER A 60 -7.87 -12.87 6.25
CA SER A 60 -8.67 -12.55 5.07
C SER A 60 -9.79 -11.53 5.33
N ALA A 61 -9.88 -11.01 6.55
CA ALA A 61 -10.77 -9.87 6.81
C ALA A 61 -10.16 -8.59 6.23
N GLY A 62 -8.91 -8.71 5.79
CA GLY A 62 -8.21 -7.61 5.14
C GLY A 62 -7.71 -8.04 3.78
N ALA A 63 -7.64 -7.10 2.86
CA ALA A 63 -7.11 -7.40 1.53
C ALA A 63 -6.55 -6.18 0.86
N VAL A 64 -5.33 -6.31 0.33
CA VAL A 64 -4.74 -5.26 -0.50
C VAL A 64 -4.82 -5.65 -1.97
N LEU A 65 -5.24 -4.71 -2.81
CA LEU A 65 -5.24 -4.93 -4.24
C LEU A 65 -4.10 -4.13 -4.84
N ARG A 66 -3.08 -4.84 -5.32
CA ARG A 66 -1.92 -4.18 -5.90
C ARG A 66 -1.94 -4.33 -7.41
N ILE A 67 -1.91 -3.19 -8.10
CA ILE A 67 -1.86 -3.19 -9.56
C ILE A 67 -0.52 -2.67 -10.02
N GLN A 68 0.16 -3.47 -10.84
CA GLN A 68 1.50 -3.11 -11.32
C GLN A 68 1.90 -4.04 -12.45
N PRO A 69 2.45 -3.48 -13.54
CA PRO A 69 2.55 -2.03 -13.74
C PRO A 69 1.25 -1.46 -14.29
N LEU A 70 0.95 -0.22 -13.95
CA LEU A 70 -0.30 0.41 -14.35
C LEU A 70 -0.36 0.64 -15.86
N ARG A 71 -1.53 0.41 -16.44
CA ARG A 71 -1.76 0.59 -17.87
C ARG A 71 -2.96 1.50 -18.07
N THR A 72 -2.84 2.45 -18.98
CA THR A 72 -3.97 3.30 -19.33
C THR A 72 -4.32 3.08 -20.80
N PRO A 73 -5.62 3.08 -21.12
CA PRO A 73 -6.71 3.23 -20.15
C PRO A 73 -7.24 1.87 -19.66
N ARG A 74 -6.53 0.79 -19.93
CA ARG A 74 -6.93 -0.55 -19.49
C ARG A 74 -7.45 -0.59 -18.06
N ASP A 75 -6.68 -0.01 -17.13
CA ASP A 75 -6.90 -0.22 -15.71
C ASP A 75 -7.82 0.83 -15.06
N GLU A 76 -8.23 1.83 -15.85
CA GLU A 76 -9.15 2.84 -15.35
C GLU A 76 -10.56 2.27 -15.19
N ASN A 77 -10.90 1.93 -13.96
CA ASN A 77 -12.19 1.34 -13.65
C ASN A 77 -12.58 1.60 -12.20
N VAL A 78 -13.81 1.25 -11.84
CA VAL A 78 -14.20 1.21 -10.44
C VAL A 78 -13.99 -0.22 -9.97
N TYR A 79 -13.43 -0.37 -8.77
CA TYR A 79 -13.21 -1.70 -8.19
C TYR A 79 -14.01 -1.83 -6.90
N GLU A 80 -14.34 -3.07 -6.54
CA GLU A 80 -15.19 -3.33 -5.39
C GLU A 80 -14.51 -4.22 -4.36
N CYS A 81 -14.53 -3.78 -3.12
CA CYS A 81 -14.18 -4.63 -2.02
C CYS A 81 -15.48 -5.09 -1.37
N VAL A 82 -15.68 -6.40 -1.32
CA VAL A 82 -16.89 -6.97 -0.75
C VAL A 82 -16.56 -7.65 0.57
N ALA A 83 -17.20 -7.22 1.64
CA ALA A 83 -17.03 -7.84 2.94
C ALA A 83 -18.22 -8.74 3.23
N GLN A 84 -17.95 -9.95 3.70
CA GLN A 84 -19.03 -10.90 3.93
C GLN A 84 -18.83 -11.78 5.14
N ASN A 85 -19.91 -11.92 5.93
CA ASN A 85 -19.99 -12.95 6.96
C ASN A 85 -21.39 -13.57 6.90
N SER A 86 -21.72 -14.40 7.86
CA SER A 86 -22.96 -15.16 7.78
C SER A 86 -24.22 -14.30 7.89
N VAL A 87 -24.09 -13.09 8.42
CA VAL A 87 -25.23 -12.19 8.57
C VAL A 87 -25.15 -10.90 7.75
N GLY A 88 -24.41 -10.92 6.64
CA GLY A 88 -24.38 -9.75 5.79
C GLY A 88 -23.27 -9.71 4.75
N GLU A 89 -23.53 -8.97 3.68
CA GLU A 89 -22.56 -8.74 2.64
C GLU A 89 -22.64 -7.27 2.24
N ILE A 90 -21.52 -6.57 2.34
CA ILE A 90 -21.51 -5.15 2.04
C ILE A 90 -20.41 -4.82 1.04
N THR A 91 -20.51 -3.64 0.44
CA THR A 91 -19.63 -3.26 -0.66
C THR A 91 -19.10 -1.84 -0.48
N VAL A 92 -17.84 -1.66 -0.85
CA VAL A 92 -17.26 -0.33 -0.95
C VAL A 92 -16.54 -0.21 -2.29
N HIS A 93 -16.60 0.97 -2.90
CA HIS A 93 -16.01 1.19 -4.21
C HIS A 93 -14.76 2.06 -4.15
N ALA A 94 -13.83 1.76 -5.03
CA ALA A 94 -12.64 2.58 -5.20
C ALA A 94 -12.31 2.72 -6.69
N LYS A 95 -12.20 3.96 -7.16
CA LYS A 95 -11.94 4.23 -8.56
C LYS A 95 -10.44 4.40 -8.82
N LEU A 96 -9.96 3.87 -9.93
CA LEU A 96 -8.56 4.04 -10.33
C LEU A 96 -8.44 4.90 -11.58
N THR A 97 -7.58 5.91 -11.51
CA THR A 97 -7.24 6.72 -12.67
C THR A 97 -5.77 6.52 -12.97
N VAL A 98 -5.41 6.44 -14.25
CA VAL A 98 -4.02 6.23 -14.65
C VAL A 98 -3.57 7.25 -15.70
N LEU A 99 -2.63 8.12 -15.31
CA LEU A 99 -2.13 9.14 -16.21
C LEU A 99 -0.87 8.67 -16.92
N ARG A 100 -0.71 9.09 -18.17
CA ARG A 100 0.54 8.90 -18.88
C ARG A 100 1.55 9.84 -18.24
N GLU A 101 2.82 9.45 -18.21
CA GLU A 101 3.85 10.34 -17.70
C GLU A 101 3.77 11.67 -18.44
N ASP A 102 3.36 11.59 -19.71
CA ASP A 102 3.31 12.73 -20.60
C ASP A 102 2.32 13.80 -20.13
N GLN A 103 1.23 13.35 -19.51
CA GLN A 103 0.12 14.24 -19.17
C GLN A 103 0.01 14.47 -17.67
N LEU A 104 1.12 14.35 -16.95
CA LEU A 104 1.15 14.55 -15.50
C LEU A 104 1.06 16.04 -15.15
N PRO A 105 0.10 16.39 -14.27
CA PRO A 105 0.00 17.77 -13.77
C PRO A 105 1.27 18.16 -13.05
N SER A 106 1.54 19.47 -12.98
CA SER A 106 2.83 19.94 -12.51
C SER A 106 3.13 19.56 -11.05
N GLY A 107 2.09 19.54 -10.24
CA GLY A 107 2.24 19.26 -8.82
C GLY A 107 2.21 17.77 -8.45
N PHE A 108 2.23 16.91 -9.46
CA PHE A 108 2.15 15.46 -9.22
C PHE A 108 3.37 14.98 -8.45
N PRO A 109 3.16 14.14 -7.43
CA PRO A 109 4.26 13.70 -6.56
C PRO A 109 5.42 13.09 -7.34
N ASN A 110 6.63 13.46 -6.92
CA ASN A 110 7.85 12.97 -7.55
C ASN A 110 8.83 12.51 -6.48
N ILE A 111 9.51 11.40 -6.76
CA ILE A 111 10.51 10.86 -5.84
C ILE A 111 11.91 11.39 -6.16
N ASP A 112 12.30 12.46 -5.47
CA ASP A 112 13.61 13.07 -5.67
C ASP A 112 14.74 12.07 -5.37
N MET A 113 14.57 11.31 -4.29
CA MET A 113 15.55 10.32 -3.89
C MET A 113 14.87 9.17 -3.16
N GLY A 114 14.82 8.01 -3.80
CA GLY A 114 14.19 6.85 -3.20
C GLY A 114 15.16 6.04 -2.37
N PRO A 115 14.65 5.05 -1.63
CA PRO A 115 15.48 4.17 -0.80
C PRO A 115 16.37 3.24 -1.63
N GLN A 116 17.52 2.90 -1.08
CA GLN A 116 18.45 1.98 -1.73
C GLN A 116 18.62 0.72 -0.91
N LEU A 117 19.13 -0.32 -1.57
CA LEU A 117 19.46 -1.57 -0.91
C LEU A 117 20.07 -1.27 0.46
N LYS A 118 19.42 -1.81 1.49
CA LYS A 118 19.86 -1.62 2.86
C LYS A 118 20.40 -2.94 3.37
N VAL A 119 21.61 -2.91 3.95
CA VAL A 119 22.17 -4.06 4.65
C VAL A 119 22.52 -3.64 6.07
N VAL A 120 22.11 -4.43 7.07
CA VAL A 120 22.32 -4.06 8.46
C VAL A 120 22.59 -5.26 9.36
N GLU A 121 23.53 -5.10 10.28
CA GLU A 121 23.85 -6.11 11.28
C GLU A 121 22.70 -6.24 12.27
N ARG A 122 22.25 -7.47 12.49
CA ARG A 122 21.14 -7.76 13.41
C ARG A 122 21.29 -6.99 14.71
N THR A 123 20.20 -6.36 15.16
CA THR A 123 20.22 -5.61 16.41
C THR A 123 20.45 -4.10 16.19
N ARG A 124 21.10 -3.76 15.09
CA ARG A 124 21.41 -2.36 14.80
C ARG A 124 20.25 -1.64 14.11
N THR A 125 20.30 -0.31 14.18
CA THR A 125 19.28 0.53 13.57
C THR A 125 19.52 0.73 12.08
N ALA A 126 18.46 0.57 11.29
CA ALA A 126 18.51 0.81 9.86
C ALA A 126 17.53 1.90 9.46
N THR A 127 18.03 2.90 8.75
CA THR A 127 17.19 4.01 8.30
C THR A 127 17.17 4.08 6.78
N MET A 128 15.98 3.97 6.21
CA MET A 128 15.79 4.07 4.78
C MET A 128 15.13 5.39 4.39
N LEU A 129 15.83 6.15 3.54
CA LEU A 129 15.39 7.50 3.23
C LEU A 129 14.38 7.54 2.10
N CYS A 130 13.60 8.63 2.07
CA CYS A 130 12.69 8.87 0.97
C CYS A 130 12.44 10.37 0.86
N ALA A 131 13.04 10.98 -0.17
CA ALA A 131 12.83 12.40 -0.41
C ALA A 131 11.87 12.60 -1.56
N ALA A 132 10.69 13.15 -1.27
CA ALA A 132 9.67 13.35 -2.29
C ALA A 132 9.30 14.82 -2.41
N SER A 133 8.93 15.21 -3.62
CA SER A 133 8.49 16.58 -3.88
C SER A 133 7.11 16.57 -4.53
N GLY A 134 6.43 17.71 -4.46
CA GLY A 134 5.09 17.83 -5.01
C GLY A 134 4.42 19.10 -4.54
N ASN A 135 3.21 19.33 -5.02
CA ASN A 135 2.45 20.50 -4.62
C ASN A 135 0.95 20.19 -4.67
N PRO A 136 0.32 20.05 -3.50
CA PRO A 136 0.90 20.18 -2.15
C PRO A 136 2.04 19.20 -1.87
N ASP A 137 2.87 19.50 -0.88
CA ASP A 137 3.92 18.59 -0.45
C ASP A 137 3.31 17.24 -0.07
N PRO A 138 3.73 16.18 -0.76
CA PRO A 138 3.17 14.83 -0.60
C PRO A 138 3.36 14.32 0.82
N GLU A 139 2.39 13.53 1.30
CA GLU A 139 2.57 12.78 2.52
C GLU A 139 3.20 11.45 2.16
N ILE A 140 4.13 10.98 3.01
CA ILE A 140 4.88 9.78 2.73
C ILE A 140 4.36 8.57 3.49
N THR A 141 4.21 7.46 2.78
CA THR A 141 3.89 6.20 3.41
C THR A 141 4.81 5.11 2.86
N TRP A 142 4.85 3.98 3.53
CA TRP A 142 5.73 2.88 3.14
C TRP A 142 4.95 1.58 3.00
N PHE A 143 5.46 0.71 2.14
CA PHE A 143 4.90 -0.62 1.98
C PHE A 143 6.03 -1.62 2.15
N LYS A 144 5.77 -2.71 2.87
CA LYS A 144 6.73 -3.80 2.95
C LYS A 144 6.11 -5.05 2.36
N ASP A 145 6.81 -5.66 1.40
CA ASP A 145 6.30 -6.84 0.72
C ASP A 145 4.85 -6.65 0.29
N PHE A 146 4.55 -5.49 -0.30
CA PHE A 146 3.24 -5.20 -0.84
C PHE A 146 2.19 -4.77 0.19
N LEU A 147 2.54 -4.83 1.47
CA LEU A 147 1.60 -4.45 2.53
C LEU A 147 2.01 -3.15 3.20
N PRO A 148 1.04 -2.29 3.54
CA PRO A 148 1.34 -1.02 4.19
C PRO A 148 2.05 -1.22 5.52
N VAL A 149 3.08 -0.43 5.76
CA VAL A 149 3.72 -0.40 7.07
C VAL A 149 2.99 0.57 8.00
N ASP A 150 2.75 0.15 9.23
CA ASP A 150 2.12 1.01 10.22
C ASP A 150 3.05 1.21 11.41
N PRO A 151 3.85 2.28 11.37
CA PRO A 151 4.82 2.55 12.43
C PRO A 151 4.17 2.60 13.82
N SER A 152 3.02 3.25 13.93
CA SER A 152 2.39 3.47 15.22
C SER A 152 1.97 2.16 15.90
N ALA A 153 1.67 1.15 15.09
CA ALA A 153 1.20 -0.14 15.59
C ALA A 153 2.35 -1.15 15.72
N SER A 154 3.58 -0.65 15.66
CA SER A 154 4.75 -1.53 15.66
C SER A 154 5.35 -1.69 17.05
N ASN A 155 4.65 -1.17 18.06
CA ASN A 155 5.15 -1.21 19.43
C ASN A 155 6.56 -0.65 19.56
N GLY A 156 6.84 0.38 18.75
CA GLY A 156 8.10 1.11 18.86
C GLY A 156 9.26 0.53 18.07
N ARG A 157 9.03 -0.60 17.41
CA ARG A 157 10.06 -1.25 16.59
C ARG A 157 10.34 -0.48 15.29
N ILE A 158 9.34 0.27 14.83
CA ILE A 158 9.43 0.96 13.55
C ILE A 158 8.93 2.39 13.69
N LYS A 159 9.72 3.33 13.18
CA LYS A 159 9.35 4.75 13.23
C LYS A 159 9.49 5.37 11.86
N GLN A 160 8.55 6.26 11.54
CA GLN A 160 8.69 7.11 10.37
C GLN A 160 9.18 8.46 10.85
N LEU A 161 10.31 8.91 10.31
CA LEU A 161 10.90 10.17 10.75
C LEU A 161 10.20 11.35 10.07
N ARG A 162 10.43 12.54 10.61
CA ARG A 162 9.84 13.76 10.04
C ARG A 162 10.27 13.93 8.59
N SER A 163 11.42 13.37 8.24
CA SER A 163 11.97 13.50 6.90
C SER A 163 11.27 12.59 5.88
N GLY A 164 10.39 11.72 6.36
CA GLY A 164 9.77 10.73 5.50
C GLY A 164 10.47 9.37 5.58
N ALA A 165 11.67 9.35 6.15
CA ALA A 165 12.44 8.12 6.24
C ALA A 165 11.79 7.05 7.15
N LEU A 166 11.93 5.80 6.75
CA LEU A 166 11.53 4.68 7.60
C LEU A 166 12.72 4.12 8.37
N GLN A 167 12.54 3.92 9.67
CA GLN A 167 13.61 3.49 10.55
C GLN A 167 13.24 2.25 11.36
N ILE A 168 14.08 1.22 11.27
CA ILE A 168 13.95 0.03 12.07
C ILE A 168 14.89 0.15 13.26
N GLU A 169 14.32 0.14 14.46
CA GLU A 169 15.09 0.44 15.67
C GLU A 169 16.16 -0.60 16.00
N SER A 170 15.78 -1.86 15.96
CA SER A 170 16.70 -2.95 16.28
C SER A 170 16.40 -4.07 15.29
N SER A 171 17.13 -4.06 14.19
CA SER A 171 16.82 -4.92 13.05
C SER A 171 16.87 -6.41 13.40
N GLU A 172 15.84 -7.15 13.00
CA GLU A 172 15.82 -8.59 13.13
C GLU A 172 15.61 -9.22 11.75
N GLU A 173 15.76 -10.54 11.67
CA GLU A 173 15.60 -11.23 10.40
C GLU A 173 14.22 -10.97 9.80
N THR A 174 13.22 -10.89 10.67
CA THR A 174 11.84 -10.64 10.27
C THR A 174 11.67 -9.31 9.53
N ASP A 175 12.63 -8.40 9.70
CA ASP A 175 12.54 -7.08 9.08
C ASP A 175 12.96 -7.09 7.62
N GLN A 176 13.56 -8.19 7.17
CA GLN A 176 13.99 -8.30 5.79
C GLN A 176 12.77 -8.33 4.88
N GLY A 177 12.92 -7.83 3.66
CA GLY A 177 11.80 -7.75 2.75
C GLY A 177 11.99 -6.65 1.71
N LYS A 178 10.95 -6.41 0.92
CA LYS A 178 10.99 -5.45 -0.17
C LYS A 178 10.23 -4.19 0.24
N TYR A 179 10.95 -3.08 0.39
CA TYR A 179 10.33 -1.81 0.80
C TYR A 179 10.11 -0.82 -0.34
N GLU A 180 8.98 -0.11 -0.28
CA GLU A 180 8.67 0.94 -1.24
C GLU A 180 8.14 2.14 -0.48
N CYS A 181 8.63 3.33 -0.81
CA CYS A 181 7.99 4.52 -0.26
C CYS A 181 6.99 5.04 -1.26
N VAL A 182 5.95 5.69 -0.76
CA VAL A 182 4.86 6.18 -1.58
C VAL A 182 4.62 7.63 -1.24
N ALA A 183 4.53 8.47 -2.26
CA ALA A 183 4.25 9.89 -2.06
C ALA A 183 2.87 10.24 -2.64
N THR A 184 2.00 10.78 -1.79
CA THR A 184 0.61 10.99 -2.16
C THR A 184 0.15 12.40 -1.80
N ASN A 185 -0.48 13.08 -2.77
CA ASN A 185 -1.14 14.36 -2.52
C ASN A 185 -2.42 14.46 -3.35
N SER A 186 -3.04 15.63 -3.34
CA SER A 186 -4.32 15.82 -4.04
C SER A 186 -4.25 15.41 -5.50
N ALA A 187 -3.06 15.53 -6.09
CA ALA A 187 -2.86 15.30 -7.53
C ALA A 187 -2.67 13.82 -7.89
N GLY A 188 -2.19 13.02 -6.93
CA GLY A 188 -2.05 11.59 -7.17
C GLY A 188 -0.95 10.92 -6.37
N VAL A 189 -0.56 9.73 -6.83
CA VAL A 189 0.29 8.83 -6.07
C VAL A 189 1.49 8.33 -6.86
N ARG A 190 2.67 8.36 -6.26
CA ARG A 190 3.82 7.80 -6.94
C ARG A 190 4.70 6.92 -6.06
N TYR A 191 4.99 5.73 -6.58
CA TYR A 191 5.83 4.76 -5.87
C TYR A 191 7.31 4.95 -6.18
N SER A 192 8.15 4.77 -5.16
CA SER A 192 9.58 4.75 -5.38
C SER A 192 9.93 3.38 -5.93
N SER A 193 11.14 3.25 -6.49
CA SER A 193 11.64 1.95 -6.87
C SER A 193 11.80 1.15 -5.60
N PRO A 194 11.59 -0.16 -5.68
CA PRO A 194 11.72 -0.97 -4.45
C PRO A 194 13.17 -1.04 -3.98
N ALA A 195 13.33 -1.26 -2.68
CA ALA A 195 14.64 -1.46 -2.08
C ALA A 195 14.54 -2.61 -1.10
N ASN A 196 15.44 -3.58 -1.22
CA ASN A 196 15.45 -4.70 -0.30
C ASN A 196 16.31 -4.43 0.93
N LEU A 197 15.86 -4.96 2.06
CA LEU A 197 16.63 -4.86 3.28
C LEU A 197 17.10 -6.25 3.64
N TYR A 198 18.41 -6.36 3.87
CA TYR A 198 19.00 -7.63 4.29
C TYR A 198 19.67 -7.48 5.66
N VAL A 199 19.51 -8.52 6.48
CA VAL A 199 20.12 -8.54 7.81
C VAL A 199 21.27 -9.53 7.80
N ARG A 200 22.42 -9.11 8.31
CA ARG A 200 23.58 -9.99 8.42
C ARG A 200 23.84 -10.38 9.87
N VAL A 201 24.51 -11.50 10.09
CA VAL A 201 24.69 -12.05 11.44
C VAL A 201 25.45 -11.13 12.38
N ARG A 202 25.03 -11.09 13.63
CA ARG A 202 25.66 -10.26 14.64
C ARG A 202 27.06 -10.77 14.96
NA NA B . -6.59 2.78 -0.35
CL CL C . 18.23 4.81 1.74
#